data_5YWM
#
_entry.id   5YWM
#
_cell.length_a   67.292
_cell.length_b   101.023
_cell.length_c   45.764
_cell.angle_alpha   90.00
_cell.angle_beta   90.00
_cell.angle_gamma   90.00
#
_symmetry.space_group_name_H-M   'P 21 21 2'
#
loop_
_entity.id
_entity.type
_entity.pdbx_description
1 polymer "Casein kinase II subunit alpha'"
2 non-polymer 'SULFATE ION'
3 non-polymer 'NICOTINIC ACID'
4 water water
#
_entity_poly.entity_id   1
_entity_poly.type   'polypeptide(L)'
_entity_poly.pdbx_seq_one_letter_code
;GPLGSMPGPAAGSRARVYAEVNSLRSREYWDYEAHVPSWGNQDDYQLVRKLGRGKYSEVFEAINITNNERVVVKILKPVK
KKKIKREVKILENLRGGTNIIKLIDTVKDPVSKTPALVFEYINNTDFKQLYQILTDFDIRFYMYELLKALDYCHSKGIMH
RDVKPHNVMIDHQQKKLRLIDWGLAEFYHPAQEYNVRVASRYFKGPELLVDYQMYDYSLDMWSLGCMLASMIFRREPFFH
GQDNYDQLVRIAKVLGTEELYGYLKKYHIDLDPHFNDILGQHSRKRWENFIHSENRHLVSPEALDLLDKLLRYDHQQRLT
AKEAMEHPYFYPVVKEQSQ
;
_entity_poly.pdbx_strand_id   X
#
loop_
_chem_comp.id
_chem_comp.type
_chem_comp.name
_chem_comp.formula
NIO non-polymer 'NICOTINIC ACID' 'C6 H5 N O2'
SO4 non-polymer 'SULFATE ION' 'O4 S -2'
#
# COMPACT_ATOMS: atom_id res chain seq x y z
N GLY A 12 4.00 2.27 -24.65
CA GLY A 12 3.52 1.48 -23.53
C GLY A 12 4.53 1.35 -22.40
N SER A 13 4.19 0.55 -21.40
CA SER A 13 5.06 0.27 -20.25
C SER A 13 4.75 -1.10 -19.65
N ARG A 14 5.77 -1.74 -19.09
CA ARG A 14 5.54 -2.93 -18.26
C ARG A 14 6.48 -2.93 -17.07
N ALA A 15 6.11 -3.68 -16.03
CA ALA A 15 6.91 -3.79 -14.82
C ALA A 15 8.34 -4.28 -15.10
N ARG A 16 9.29 -3.79 -14.33
CA ARG A 16 10.69 -4.22 -14.45
C ARG A 16 11.04 -5.53 -13.75
N VAL A 17 10.21 -6.05 -12.85
CA VAL A 17 10.69 -7.24 -12.14
C VAL A 17 9.81 -8.49 -12.06
N TYR A 18 8.51 -8.33 -11.96
CA TYR A 18 7.70 -9.54 -11.83
C TYR A 18 6.65 -9.53 -12.92
N ALA A 19 7.09 -9.11 -14.09
CA ALA A 19 6.16 -8.77 -15.16
C ALA A 19 5.24 -9.92 -15.52
N GLU A 20 5.78 -11.13 -15.65
CA GLU A 20 5.00 -12.21 -16.24
C GLU A 20 4.59 -13.33 -15.28
N VAL A 21 4.70 -13.08 -13.97
CA VAL A 21 4.51 -14.14 -12.97
C VAL A 21 3.10 -14.73 -12.97
N ASN A 22 2.08 -13.89 -13.19
CA ASN A 22 0.72 -14.41 -13.25
C ASN A 22 0.53 -15.27 -14.51
N SER A 23 1.15 -14.91 -15.61
CA SER A 23 1.13 -15.72 -16.84
C SER A 23 1.70 -17.09 -16.59
N LEU A 24 2.67 -17.18 -15.72
CA LEU A 24 3.36 -18.39 -15.46
C LEU A 24 2.62 -19.25 -14.47
N ARG A 25 1.55 -18.74 -13.91
CA ARG A 25 0.75 -19.48 -12.94
C ARG A 25 -0.53 -20.06 -13.59
N SER A 26 -1.21 -20.95 -12.90
CA SER A 26 -2.45 -21.51 -13.40
C SER A 26 -3.46 -20.37 -13.49
N ARG A 27 -4.38 -20.40 -14.45
CA ARG A 27 -5.38 -19.35 -14.57
C ARG A 27 -6.21 -19.24 -13.28
N GLU A 28 -6.44 -20.36 -12.62
CA GLU A 28 -7.15 -20.38 -11.34
C GLU A 28 -6.55 -19.38 -10.37
N TYR A 29 -5.24 -19.21 -10.43
CA TYR A 29 -4.55 -18.27 -9.52
C TYR A 29 -5.10 -16.86 -9.59
N TRP A 30 -5.27 -16.33 -10.80
CA TRP A 30 -5.55 -14.91 -10.96
C TRP A 30 -6.95 -14.63 -11.53
N ASP A 31 -7.67 -15.67 -11.93
CA ASP A 31 -9.02 -15.50 -12.49
C ASP A 31 -10.01 -15.46 -11.32
N TYR A 32 -10.02 -14.33 -10.61
CA TYR A 32 -10.77 -14.24 -9.36
C TYR A 32 -12.29 -14.32 -9.53
N GLU A 33 -12.79 -13.98 -10.72
CA GLU A 33 -14.24 -14.00 -10.91
C GLU A 33 -14.80 -15.43 -10.91
N ALA A 34 -13.94 -16.40 -11.17
CA ALA A 34 -14.36 -17.80 -11.18
C ALA A 34 -14.16 -18.41 -9.79
N HIS A 35 -13.64 -17.61 -8.87
CA HIS A 35 -13.37 -18.11 -7.52
C HIS A 35 -14.65 -18.22 -6.71
N VAL A 36 -14.85 -19.36 -6.08
CA VAL A 36 -16.05 -19.55 -5.28
C VAL A 36 -15.68 -19.76 -3.81
N PRO A 37 -15.90 -18.72 -3.00
CA PRO A 37 -15.61 -18.82 -1.57
C PRO A 37 -16.60 -19.75 -0.89
N SER A 38 -16.15 -20.40 0.17
CA SER A 38 -17.03 -21.19 1.02
C SER A 38 -17.32 -20.40 2.29
N TRP A 39 -18.56 -19.97 2.43
CA TRP A 39 -18.94 -19.10 3.54
C TRP A 39 -19.39 -19.87 4.78
N GLY A 40 -18.59 -19.76 5.83
CA GLY A 40 -18.92 -20.35 7.11
C GLY A 40 -19.89 -19.49 7.89
N ASN A 41 -20.16 -19.87 9.13
CA ASN A 41 -21.14 -19.18 9.95
C ASN A 41 -20.48 -18.12 10.84
N GLN A 42 -20.85 -16.87 10.64
CA GLN A 42 -20.28 -15.77 11.41
C GLN A 42 -20.67 -15.81 12.89
N ASP A 43 -21.71 -16.56 13.23
CA ASP A 43 -22.15 -16.65 14.61
C ASP A 43 -21.18 -17.44 15.47
N ASP A 44 -20.12 -17.95 14.86
CA ASP A 44 -18.99 -18.48 15.62
C ASP A 44 -18.11 -17.35 16.14
N TYR A 45 -18.44 -16.10 15.81
CA TYR A 45 -17.59 -14.98 16.18
C TYR A 45 -18.34 -13.93 16.97
N GLN A 46 -17.74 -13.51 18.07
CA GLN A 46 -18.34 -12.49 18.90
C GLN A 46 -17.64 -11.17 18.67
N LEU A 47 -18.35 -10.21 18.09
CA LEU A 47 -17.75 -8.94 17.67
C LEU A 47 -17.75 -7.89 18.79
N VAL A 48 -16.62 -7.79 19.47
CA VAL A 48 -16.57 -7.12 20.75
C VAL A 48 -16.23 -5.63 20.69
N ARG A 49 -15.36 -5.24 19.76
CA ARG A 49 -14.83 -3.88 19.75
C ARG A 49 -14.68 -3.35 18.33
N LYS A 50 -15.38 -2.28 18.00
CA LYS A 50 -15.25 -1.67 16.69
C LYS A 50 -13.90 -0.98 16.59
N LEU A 51 -13.11 -1.33 15.58
CA LEU A 51 -11.77 -0.77 15.41
C LEU A 51 -11.81 0.56 14.65
N GLY A 52 -10.92 1.48 15.02
CA GLY A 52 -10.80 2.76 14.33
C GLY A 52 -10.32 2.62 12.89
N SER A 57 -15.77 -0.17 5.19
CA SER A 57 -16.01 -1.43 5.87
C SER A 57 -16.03 -1.24 7.38
N GLU A 58 -16.85 -2.05 8.05
CA GLU A 58 -16.86 -2.06 9.50
C GLU A 58 -15.96 -3.20 9.97
N VAL A 59 -14.96 -2.86 10.78
CA VAL A 59 -13.98 -3.83 11.26
C VAL A 59 -14.00 -3.96 12.78
N PHE A 60 -13.99 -5.19 13.27
CA PHE A 60 -14.14 -5.47 14.70
C PHE A 60 -13.05 -6.38 15.25
N GLU A 61 -12.57 -6.06 16.44
CA GLU A 61 -11.86 -7.05 17.23
C GLU A 61 -12.92 -8.05 17.68
N ALA A 62 -12.61 -9.34 17.56
CA ALA A 62 -13.61 -10.35 17.86
C ALA A 62 -13.00 -11.56 18.58
N ILE A 63 -13.88 -12.37 19.14
CA ILE A 63 -13.48 -13.63 19.74
C ILE A 63 -14.08 -14.77 18.93
N ASN A 64 -13.28 -15.76 18.57
CA ASN A 64 -13.86 -16.98 18.05
C ASN A 64 -14.38 -17.76 19.26
N ILE A 65 -15.71 -17.89 19.38
CA ILE A 65 -16.29 -18.41 20.61
C ILE A 65 -15.98 -19.89 20.86
N THR A 66 -15.62 -20.62 19.81
CA THR A 66 -15.31 -22.04 19.96
C THR A 66 -13.94 -22.30 20.59
N ASN A 67 -12.94 -21.51 20.25
CA ASN A 67 -11.58 -21.75 20.76
C ASN A 67 -11.01 -20.58 21.57
N ASN A 68 -11.82 -19.55 21.79
CA ASN A 68 -11.43 -18.33 22.50
C ASN A 68 -10.38 -17.45 21.79
N GLU A 69 -10.01 -17.81 20.57
CA GLU A 69 -8.97 -17.02 19.87
C GLU A 69 -9.43 -15.62 19.52
N ARG A 70 -8.53 -14.68 19.74
CA ARG A 70 -8.76 -13.29 19.44
C ARG A 70 -8.50 -13.05 17.95
N VAL A 71 -9.47 -12.48 17.24
CA VAL A 71 -9.36 -12.27 15.80
C VAL A 71 -9.88 -10.91 15.37
N VAL A 72 -9.83 -10.67 14.06
CA VAL A 72 -10.38 -9.47 13.49
C VAL A 72 -11.41 -9.86 12.46
N VAL A 73 -12.59 -9.26 12.54
CA VAL A 73 -13.63 -9.56 11.59
C VAL A 73 -13.98 -8.30 10.85
N LYS A 74 -13.86 -8.37 9.53
CA LYS A 74 -14.16 -7.25 8.66
C LYS A 74 -15.40 -7.57 7.87
N ILE A 75 -16.42 -6.74 8.05
CA ILE A 75 -17.70 -6.90 7.37
C ILE A 75 -17.58 -6.33 5.97
N LEU A 76 -17.97 -7.12 4.99
CA LEU A 76 -17.86 -6.71 3.59
C LEU A 76 -19.18 -6.11 3.12
N LYS A 77 -19.13 -5.35 2.04
CA LYS A 77 -20.34 -4.77 1.48
C LYS A 77 -21.06 -5.83 0.65
N PRO A 78 -22.24 -6.25 1.10
CA PRO A 78 -22.95 -7.38 0.51
C PRO A 78 -23.17 -7.23 -1.00
N VAL A 79 -23.71 -6.09 -1.39
CA VAL A 79 -24.05 -5.82 -2.78
C VAL A 79 -22.88 -6.15 -3.71
N LYS A 80 -21.67 -5.87 -3.25
CA LYS A 80 -20.52 -6.14 -4.04
C LYS A 80 -20.44 -7.66 -4.12
N LYS A 81 -20.28 -8.15 -5.32
CA LYS A 81 -19.86 -9.49 -5.72
C LYS A 81 -18.41 -9.62 -6.21
N LYS A 82 -18.07 -8.92 -7.27
CA LYS A 82 -16.76 -9.03 -7.89
C LYS A 82 -15.60 -8.67 -6.96
N LYS A 83 -15.74 -7.55 -6.25
CA LYS A 83 -14.65 -7.11 -5.38
C LYS A 83 -14.51 -7.99 -4.15
N ILE A 84 -15.57 -8.66 -3.73
CA ILE A 84 -15.43 -9.67 -2.67
C ILE A 84 -14.63 -10.85 -3.21
N LYS A 85 -14.97 -11.32 -4.40
CA LYS A 85 -14.27 -12.46 -4.98
C LYS A 85 -12.78 -12.11 -5.11
N ARG A 86 -12.50 -10.90 -5.59
CA ARG A 86 -11.12 -10.48 -5.81
C ARG A 86 -10.33 -10.39 -4.50
N GLU A 87 -10.90 -9.71 -3.50
CA GLU A 87 -10.20 -9.59 -2.23
C GLU A 87 -9.92 -10.96 -1.58
N VAL A 88 -10.90 -11.86 -1.60
CA VAL A 88 -10.74 -13.17 -0.98
C VAL A 88 -9.65 -13.97 -1.69
N LYS A 89 -9.67 -13.94 -3.02
CA LYS A 89 -8.71 -14.69 -3.81
C LYS A 89 -7.27 -14.19 -3.59
N ILE A 90 -7.13 -12.87 -3.53
CA ILE A 90 -5.83 -12.27 -3.32
C ILE A 90 -5.31 -12.61 -1.91
N LEU A 91 -6.17 -12.51 -0.90
CA LEU A 91 -5.80 -12.86 0.47
C LEU A 91 -5.39 -14.32 0.58
N GLU A 92 -6.15 -15.18 -0.07
CA GLU A 92 -5.81 -16.59 -0.13
C GLU A 92 -4.45 -16.85 -0.82
N ASN A 93 -4.21 -16.20 -1.95
CA ASN A 93 -2.90 -16.30 -2.63
C ASN A 93 -1.74 -15.81 -1.79
N LEU A 94 -2.01 -14.80 -0.95
CA LEU A 94 -0.98 -14.14 -0.16
C LEU A 94 -0.84 -14.71 1.26
N ARG A 95 -1.66 -15.68 1.60
CA ARG A 95 -1.65 -16.26 2.94
C ARG A 95 -0.24 -16.73 3.30
N GLY A 96 0.18 -16.49 4.54
CA GLY A 96 1.53 -16.84 4.93
C GLY A 96 2.66 -16.04 4.29
N GLY A 97 2.33 -14.99 3.55
CA GLY A 97 3.37 -14.06 3.13
C GLY A 97 3.83 -13.18 4.28
N THR A 98 5.08 -12.76 4.25
CA THR A 98 5.65 -11.99 5.35
C THR A 98 4.98 -10.61 5.56
N ASN A 99 4.44 -10.40 6.76
CA ASN A 99 3.82 -9.15 7.15
C ASN A 99 2.60 -8.81 6.33
N ILE A 100 2.02 -9.81 5.69
CA ILE A 100 0.72 -9.64 5.08
C ILE A 100 -0.34 -10.17 6.06
N ILE A 101 -1.42 -9.42 6.23
CA ILE A 101 -2.49 -9.83 7.14
C ILE A 101 -2.98 -11.20 6.67
N LYS A 102 -3.20 -12.09 7.64
CA LYS A 102 -3.52 -13.48 7.37
C LYS A 102 -5.02 -13.71 7.44
N LEU A 103 -5.60 -14.13 6.32
CA LEU A 103 -7.02 -14.45 6.24
C LEU A 103 -7.24 -15.81 6.89
N ILE A 104 -8.10 -15.84 7.90
CA ILE A 104 -8.38 -17.04 8.68
C ILE A 104 -9.64 -17.76 8.23
N ASP A 105 -10.66 -16.98 7.89
CA ASP A 105 -11.96 -17.55 7.59
C ASP A 105 -12.77 -16.59 6.73
N THR A 106 -13.75 -17.15 6.03
CA THR A 106 -14.71 -16.38 5.25
C THR A 106 -16.08 -16.83 5.69
N VAL A 107 -16.86 -15.92 6.24
CA VAL A 107 -18.12 -16.29 6.90
C VAL A 107 -19.22 -15.35 6.47
N LYS A 108 -20.46 -15.70 6.82
CA LYS A 108 -21.63 -14.92 6.49
C LYS A 108 -22.54 -14.89 7.70
N ASP A 109 -23.13 -13.73 7.96
CA ASP A 109 -24.10 -13.60 9.03
C ASP A 109 -25.38 -14.36 8.67
N PRO A 110 -25.89 -15.20 9.58
CA PRO A 110 -27.15 -15.91 9.35
C PRO A 110 -28.32 -14.98 9.01
N VAL A 111 -28.52 -13.94 9.82
CA VAL A 111 -29.65 -13.04 9.67
C VAL A 111 -29.56 -12.22 8.38
N SER A 112 -28.45 -11.50 8.21
CA SER A 112 -28.30 -10.54 7.11
C SER A 112 -27.66 -11.11 5.84
N LYS A 113 -27.05 -12.28 5.95
CA LYS A 113 -26.39 -12.95 4.83
C LYS A 113 -25.22 -12.14 4.26
N THR A 114 -24.79 -11.13 5.02
CA THR A 114 -23.67 -10.28 4.62
C THR A 114 -22.33 -10.98 4.85
N PRO A 115 -21.47 -11.00 3.82
CA PRO A 115 -20.18 -11.68 3.91
C PRO A 115 -19.17 -10.94 4.78
N ALA A 116 -18.35 -11.69 5.50
CA ALA A 116 -17.30 -11.10 6.29
C ALA A 116 -16.03 -11.93 6.21
N LEU A 117 -14.89 -11.29 6.48
CA LEU A 117 -13.61 -11.95 6.43
C LEU A 117 -13.05 -12.01 7.83
N VAL A 118 -12.42 -13.12 8.19
CA VAL A 118 -11.82 -13.23 9.51
C VAL A 118 -10.32 -13.21 9.39
N PHE A 119 -9.66 -12.32 10.14
CA PHE A 119 -8.21 -12.16 10.10
C PHE A 119 -7.53 -12.42 11.45
N GLU A 120 -6.21 -12.65 11.42
CA GLU A 120 -5.42 -12.65 12.64
C GLU A 120 -5.51 -11.28 13.29
N TYR A 121 -5.40 -11.23 14.60
CA TYR A 121 -5.50 -9.99 15.32
C TYR A 121 -4.16 -9.28 15.36
N ILE A 122 -4.16 -7.99 15.10
CA ILE A 122 -3.00 -7.18 15.42
C ILE A 122 -3.48 -5.94 16.14
N ASN A 123 -2.77 -5.55 17.19
CA ASN A 123 -3.13 -4.36 17.97
C ASN A 123 -2.43 -3.10 17.44
N ASN A 124 -3.09 -2.37 16.57
CA ASN A 124 -2.52 -1.18 15.93
C ASN A 124 -2.38 0.01 16.89
N THR A 125 -1.30 0.78 16.75
CA THR A 125 -1.03 1.90 17.65
C THR A 125 -1.79 3.18 17.24
N ASP A 126 -1.97 3.34 15.93
CA ASP A 126 -2.57 4.52 15.28
C ASP A 126 -1.45 5.50 14.94
N PHE A 127 -1.25 5.66 13.65
CA PHE A 127 -0.07 6.32 13.12
C PHE A 127 0.07 7.78 13.59
N LYS A 128 -1.07 8.46 13.78
CA LYS A 128 -1.05 9.85 14.23
C LYS A 128 -0.20 10.04 15.49
N GLN A 129 -0.35 9.16 16.46
CA GLN A 129 0.47 9.23 17.68
C GLN A 129 1.81 8.55 17.51
N LEU A 130 1.83 7.43 16.79
CA LEU A 130 3.07 6.68 16.59
C LEU A 130 4.15 7.46 15.86
N TYR A 131 3.78 8.20 14.81
CA TYR A 131 4.80 8.82 13.98
C TYR A 131 5.53 9.95 14.73
N GLN A 132 5.01 10.36 15.87
CA GLN A 132 5.60 11.46 16.66
C GLN A 132 6.72 10.98 17.58
N ILE A 133 6.76 9.67 17.85
CA ILE A 133 7.68 9.10 18.82
C ILE A 133 8.66 8.11 18.20
N LEU A 134 8.55 7.88 16.91
CA LEU A 134 9.44 6.95 16.22
C LEU A 134 10.87 7.49 16.15
N THR A 135 11.84 6.61 16.36
CA THR A 135 13.23 7.00 16.18
C THR A 135 13.61 6.71 14.72
N ASP A 136 14.78 7.22 14.30
CA ASP A 136 15.32 6.91 12.98
C ASP A 136 15.36 5.40 12.74
N PHE A 137 15.82 4.64 13.74
CA PHE A 137 15.91 3.20 13.58
C PHE A 137 14.54 2.58 13.33
N ASP A 138 13.54 3.03 14.08
CA ASP A 138 12.19 2.47 13.99
C ASP A 138 11.64 2.63 12.57
N ILE A 139 11.79 3.83 12.02
CA ILE A 139 11.35 4.12 10.65
C ILE A 139 12.06 3.16 9.69
N ARG A 140 13.38 3.06 9.77
CA ARG A 140 14.08 2.06 8.97
C ARG A 140 13.49 0.66 9.18
N PHE A 141 13.27 0.31 10.45
CA PHE A 141 12.77 -1.00 10.81
C PHE A 141 11.40 -1.31 10.19
N TYR A 142 10.46 -0.41 10.38
CA TYR A 142 9.12 -0.65 9.86
C TYR A 142 9.03 -0.50 8.33
N MET A 143 9.79 0.42 7.76
CA MET A 143 9.86 0.49 6.30
C MET A 143 10.39 -0.82 5.72
N TYR A 144 11.41 -1.38 6.36
CA TYR A 144 11.92 -2.68 5.95
C TYR A 144 10.83 -3.74 6.04
N GLU A 145 10.10 -3.77 7.17
CA GLU A 145 9.06 -4.77 7.34
C GLU A 145 8.00 -4.62 6.25
N LEU A 146 7.65 -3.37 5.96
CA LEU A 146 6.64 -3.11 4.91
C LEU A 146 7.15 -3.50 3.54
N LEU A 147 8.44 -3.29 3.27
CA LEU A 147 9.00 -3.71 1.99
C LEU A 147 8.99 -5.21 1.83
N LYS A 148 9.12 -5.95 2.93
CA LYS A 148 9.02 -7.40 2.85
C LYS A 148 7.65 -7.83 2.34
N ALA A 149 6.62 -7.13 2.82
CA ALA A 149 5.25 -7.40 2.42
C ALA A 149 5.06 -7.13 0.93
N LEU A 150 5.62 -6.02 0.48
CA LEU A 150 5.38 -5.55 -0.90
C LEU A 150 6.18 -6.39 -1.89
N ASP A 151 7.41 -6.76 -1.52
CA ASP A 151 8.17 -7.63 -2.41
C ASP A 151 7.47 -8.96 -2.53
N TYR A 152 6.95 -9.46 -1.41
CA TYR A 152 6.21 -10.72 -1.45
C TYR A 152 4.99 -10.63 -2.36
N CYS A 153 4.11 -9.66 -2.12
CA CYS A 153 2.89 -9.60 -2.90
C CYS A 153 3.19 -9.27 -4.37
N HIS A 154 4.15 -8.40 -4.63
CA HIS A 154 4.52 -8.12 -6.03
C HIS A 154 5.02 -9.38 -6.71
N SER A 155 5.75 -10.20 -5.97
CA SER A 155 6.32 -11.45 -6.49
C SER A 155 5.21 -12.48 -6.70
N LYS A 156 4.07 -12.26 -6.04
CA LYS A 156 2.86 -13.06 -6.22
C LYS A 156 1.94 -12.39 -7.26
N GLY A 157 2.48 -11.42 -7.98
CA GLY A 157 1.78 -10.82 -9.11
C GLY A 157 0.70 -9.84 -8.70
N ILE A 158 0.74 -9.35 -7.47
CA ILE A 158 -0.34 -8.52 -6.96
C ILE A 158 0.16 -7.11 -6.62
N MET A 159 -0.60 -6.11 -7.05
CA MET A 159 -0.37 -4.72 -6.66
C MET A 159 -1.32 -4.41 -5.51
N HIS A 160 -0.84 -3.74 -4.45
CA HIS A 160 -1.74 -3.42 -3.35
C HIS A 160 -2.68 -2.28 -3.72
N ARG A 161 -2.08 -1.23 -4.29
CA ARG A 161 -2.78 -0.05 -4.81
C ARG A 161 -3.46 0.81 -3.75
N ASP A 162 -3.20 0.58 -2.46
CA ASP A 162 -3.74 1.46 -1.41
C ASP A 162 -2.79 1.52 -0.22
N VAL A 163 -1.50 1.66 -0.50
CA VAL A 163 -0.53 1.65 0.57
C VAL A 163 -0.63 3.03 1.22
N LYS A 164 -0.93 3.06 2.51
CA LYS A 164 -1.00 4.30 3.27
C LYS A 164 -0.96 3.92 4.74
N PRO A 165 -0.67 4.89 5.62
CA PRO A 165 -0.56 4.58 7.05
C PRO A 165 -1.76 3.81 7.59
N HIS A 166 -2.95 4.14 7.14
CA HIS A 166 -4.16 3.47 7.63
C HIS A 166 -4.23 1.99 7.28
N ASN A 167 -3.49 1.58 6.24
CA ASN A 167 -3.48 0.17 5.83
C ASN A 167 -2.20 -0.55 6.24
N VAL A 168 -1.41 0.11 7.06
CA VAL A 168 -0.21 -0.52 7.58
C VAL A 168 -0.34 -0.61 9.10
N MET A 169 -0.75 -1.77 9.60
CA MET A 169 -0.95 -1.93 11.05
C MET A 169 0.37 -2.04 11.77
N ILE A 170 0.60 -1.23 12.80
CA ILE A 170 1.85 -1.40 13.52
C ILE A 170 1.60 -1.58 15.01
N ASP A 171 2.09 -2.69 15.53
CA ASP A 171 2.09 -2.95 16.97
C ASP A 171 3.48 -2.62 17.45
N HIS A 172 3.65 -1.41 17.97
CA HIS A 172 4.96 -0.93 18.36
C HIS A 172 5.47 -1.59 19.63
N GLN A 173 4.55 -2.09 20.44
CA GLN A 173 4.91 -2.87 21.61
C GLN A 173 5.62 -4.15 21.20
N GLN A 174 5.06 -4.88 20.25
CA GLN A 174 5.67 -6.15 19.84
C GLN A 174 6.58 -5.99 18.61
N LYS A 175 6.72 -4.77 18.11
CA LYS A 175 7.45 -4.49 16.86
C LYS A 175 6.94 -5.39 15.71
N LYS A 176 5.65 -5.33 15.45
CA LYS A 176 4.98 -6.17 14.47
C LYS A 176 4.32 -5.32 13.41
N LEU A 177 4.36 -5.77 12.15
CA LEU A 177 3.73 -4.98 11.09
C LEU A 177 2.86 -5.85 10.20
N ARG A 178 1.68 -5.35 9.86
CA ARG A 178 0.86 -6.06 8.89
C ARG A 178 0.33 -5.10 7.84
N LEU A 179 0.51 -5.43 6.58
CA LEU A 179 -0.12 -4.69 5.50
C LEU A 179 -1.53 -5.27 5.35
N ILE A 180 -2.54 -4.41 5.45
CA ILE A 180 -3.93 -4.83 5.45
C ILE A 180 -4.72 -4.15 4.34
N ASP A 181 -6.02 -4.43 4.33
CA ASP A 181 -6.98 -3.87 3.37
C ASP A 181 -6.60 -4.05 1.88
N TRP A 182 -6.83 -5.28 1.41
CA TRP A 182 -6.52 -5.71 0.05
C TRP A 182 -7.74 -5.65 -0.86
N GLY A 183 -8.71 -4.81 -0.50
CA GLY A 183 -9.95 -4.71 -1.25
C GLY A 183 -9.76 -3.89 -2.52
N LEU A 184 -8.63 -3.18 -2.62
CA LEU A 184 -8.29 -2.40 -3.81
C LEU A 184 -7.22 -3.10 -4.67
N ALA A 185 -6.66 -4.19 -4.15
CA ALA A 185 -5.57 -4.89 -4.80
C ALA A 185 -5.98 -5.53 -6.15
N GLU A 186 -5.02 -5.66 -7.06
CA GLU A 186 -5.26 -6.32 -8.35
C GLU A 186 -4.09 -7.16 -8.82
N PHE A 187 -4.37 -8.11 -9.71
CA PHE A 187 -3.34 -8.89 -10.37
C PHE A 187 -2.69 -8.10 -11.48
N TYR A 188 -1.37 -8.15 -11.52
CA TYR A 188 -0.66 -7.47 -12.60
C TYR A 188 -0.50 -8.38 -13.80
N HIS A 189 -0.99 -7.91 -14.95
CA HIS A 189 -0.82 -8.55 -16.25
C HIS A 189 -0.20 -7.50 -17.20
N PRO A 190 0.93 -7.83 -17.85
CA PRO A 190 1.55 -6.83 -18.71
C PRO A 190 0.58 -6.24 -19.74
N ALA A 191 0.68 -4.93 -19.96
CA ALA A 191 -0.14 -4.18 -20.92
C ALA A 191 -1.61 -4.06 -20.54
N GLN A 192 -2.03 -4.68 -19.43
CA GLN A 192 -3.40 -4.46 -18.96
C GLN A 192 -3.60 -3.00 -18.55
N GLU A 193 -4.76 -2.45 -18.89
CA GLU A 193 -5.07 -1.09 -18.54
C GLU A 193 -5.93 -1.11 -17.29
N TYR A 194 -5.51 -0.37 -16.26
CA TYR A 194 -6.17 -0.43 -14.96
C TYR A 194 -6.90 0.87 -14.66
N ASN A 195 -7.88 0.79 -13.76
CA ASN A 195 -8.49 2.00 -13.24
C ASN A 195 -7.45 2.84 -12.52
N VAL A 196 -7.35 4.11 -12.89
CA VAL A 196 -6.38 5.01 -12.26
C VAL A 196 -6.91 5.63 -10.97
N ARG A 197 -8.23 5.61 -10.76
CA ARG A 197 -8.77 6.17 -9.52
C ARG A 197 -8.86 5.09 -8.47
N VAL A 198 -7.69 4.56 -8.13
CA VAL A 198 -7.57 3.67 -6.99
C VAL A 198 -6.74 4.44 -5.97
N ALA A 199 -6.50 3.83 -4.82
CA ALA A 199 -5.74 4.45 -3.74
C ALA A 199 -6.40 5.72 -3.18
N SER A 200 -5.80 6.20 -2.10
CA SER A 200 -6.23 7.43 -1.48
C SER A 200 -5.44 8.57 -2.10
N ARG A 201 -6.13 9.68 -2.32
CA ARG A 201 -5.57 10.85 -2.99
C ARG A 201 -4.12 11.11 -2.65
N TYR A 202 -3.81 11.13 -1.35
CA TYR A 202 -2.51 11.59 -0.89
C TYR A 202 -1.37 10.67 -1.32
N PHE A 203 -1.69 9.42 -1.66
CA PHE A 203 -0.67 8.41 -1.91
C PHE A 203 -0.72 7.91 -3.35
N LYS A 204 -1.47 8.62 -4.19
CA LYS A 204 -1.53 8.34 -5.62
C LYS A 204 -0.25 8.75 -6.32
N GLY A 205 0.27 7.86 -7.15
CA GLY A 205 1.45 8.16 -7.94
C GLY A 205 1.05 9.11 -9.05
N PRO A 206 2.01 9.86 -9.59
CA PRO A 206 1.66 10.76 -10.70
C PRO A 206 1.10 10.01 -11.91
N GLU A 207 1.52 8.75 -12.10
CA GLU A 207 1.04 7.98 -13.26
C GLU A 207 -0.48 7.87 -13.21
N LEU A 208 -1.03 7.67 -12.02
CA LEU A 208 -2.47 7.63 -11.84
C LEU A 208 -3.10 9.00 -12.09
N LEU A 209 -2.43 10.03 -11.62
CA LEU A 209 -2.97 11.38 -11.66
C LEU A 209 -2.98 11.97 -13.09
N VAL A 210 -2.10 11.49 -13.94
CA VAL A 210 -2.11 11.90 -15.34
C VAL A 210 -2.82 10.89 -16.23
N ASP A 211 -3.53 9.95 -15.61
CA ASP A 211 -4.42 9.02 -16.30
C ASP A 211 -3.64 7.99 -17.11
N TYR A 212 -2.47 7.60 -16.61
CA TYR A 212 -1.72 6.54 -17.27
C TYR A 212 -2.17 5.18 -16.73
N GLN A 213 -2.78 4.37 -17.60
CA GLN A 213 -3.48 3.16 -17.18
C GLN A 213 -2.63 1.89 -17.16
N MET A 214 -1.53 1.92 -17.86
CA MET A 214 -0.66 0.76 -17.89
C MET A 214 0.40 0.87 -16.80
N TYR A 215 -0.07 1.02 -15.57
CA TYR A 215 0.86 1.11 -14.46
C TYR A 215 1.11 -0.27 -13.90
N ASP A 216 1.97 -0.35 -12.89
CA ASP A 216 2.37 -1.64 -12.37
C ASP A 216 2.69 -1.59 -10.87
N TYR A 217 3.43 -2.59 -10.41
CA TYR A 217 3.81 -2.65 -9.00
C TYR A 217 4.47 -1.38 -8.47
N SER A 218 5.09 -0.60 -9.35
CA SER A 218 5.83 0.57 -8.95
C SER A 218 4.91 1.64 -8.36
N LEU A 219 3.60 1.55 -8.64
CA LEU A 219 2.63 2.43 -8.00
C LEU A 219 2.72 2.29 -6.46
N ASP A 220 2.89 1.05 -5.99
CA ASP A 220 3.03 0.81 -4.54
C ASP A 220 4.36 1.41 -4.03
N MET A 221 5.35 1.52 -4.90
CA MET A 221 6.63 2.03 -4.47
C MET A 221 6.56 3.55 -4.32
N TRP A 222 5.75 4.21 -5.14
CA TRP A 222 5.45 5.63 -4.93
C TRP A 222 4.80 5.84 -3.56
N SER A 223 3.75 5.08 -3.31
CA SER A 223 3.03 5.17 -2.04
C SER A 223 3.94 4.93 -0.84
N LEU A 224 4.81 3.94 -0.95
CA LEU A 224 5.79 3.68 0.09
C LEU A 224 6.67 4.92 0.34
N GLY A 225 7.10 5.58 -0.73
CA GLY A 225 7.87 6.81 -0.63
C GLY A 225 7.16 7.94 0.09
N CYS A 226 5.86 8.11 -0.16
CA CYS A 226 5.06 9.11 0.56
C CYS A 226 5.07 8.82 2.06
N MET A 227 4.98 7.55 2.40
CA MET A 227 5.00 7.14 3.80
C MET A 227 6.34 7.45 4.45
N LEU A 228 7.42 7.14 3.74
CA LEU A 228 8.76 7.41 4.23
C LEU A 228 8.94 8.90 4.45
N ALA A 229 8.55 9.70 3.46
CA ALA A 229 8.71 11.15 3.54
C ALA A 229 7.92 11.70 4.73
N SER A 230 6.66 11.29 4.85
CA SER A 230 5.86 11.76 5.98
C SER A 230 6.48 11.36 7.32
N MET A 231 7.07 10.18 7.38
CA MET A 231 7.71 9.75 8.64
C MET A 231 9.02 10.45 8.97
N ILE A 232 9.92 10.60 8.00
CA ILE A 232 11.20 11.22 8.34
C ILE A 232 11.09 12.74 8.42
N PHE A 233 10.14 13.33 7.68
CA PHE A 233 9.98 14.77 7.70
C PHE A 233 8.93 15.22 8.70
N ARG A 234 8.15 14.26 9.20
CA ARG A 234 7.01 14.55 10.07
C ARG A 234 6.07 15.56 9.42
N ARG A 235 5.77 15.34 8.14
CA ARG A 235 4.71 16.07 7.45
C ARG A 235 3.77 15.01 6.87
N GLU A 236 2.61 14.82 7.48
CA GLU A 236 1.70 13.78 7.11
C GLU A 236 0.31 14.30 6.84
N PRO A 237 -0.26 14.03 5.70
CA PRO A 237 0.40 13.38 4.55
C PRO A 237 1.46 14.29 3.96
N PHE A 238 2.41 13.73 3.24
CA PHE A 238 3.48 14.56 2.72
C PHE A 238 3.00 15.42 1.55
N PHE A 239 2.20 14.80 0.69
CA PHE A 239 1.64 15.47 -0.47
C PHE A 239 0.15 15.66 -0.25
N HIS A 240 -0.22 16.83 0.26
CA HIS A 240 -1.56 17.05 0.77
C HIS A 240 -2.42 17.83 -0.22
N GLY A 241 -2.80 17.19 -1.33
CA GLY A 241 -3.67 17.81 -2.33
C GLY A 241 -5.08 17.99 -1.82
N GLN A 242 -5.73 19.06 -2.30
CA GLN A 242 -7.08 19.40 -1.85
C GLN A 242 -8.15 18.66 -2.66
N ASP A 243 -7.79 18.28 -3.88
CA ASP A 243 -8.57 17.39 -4.74
C ASP A 243 -7.60 16.67 -5.67
N ASN A 244 -8.11 15.87 -6.61
CA ASN A 244 -7.27 15.08 -7.51
C ASN A 244 -6.27 15.91 -8.32
N TYR A 245 -6.75 17.06 -8.80
CA TYR A 245 -5.94 17.97 -9.61
C TYR A 245 -4.82 18.57 -8.79
N ASP A 246 -5.20 19.23 -7.70
CA ASP A 246 -4.27 19.84 -6.77
C ASP A 246 -3.21 18.85 -6.25
N GLN A 247 -3.56 17.56 -6.22
CA GLN A 247 -2.64 16.55 -5.75
C GLN A 247 -1.40 16.56 -6.63
N LEU A 248 -1.57 16.76 -7.92
CA LEU A 248 -0.44 16.73 -8.82
C LEU A 248 0.37 18.02 -8.70
N VAL A 249 -0.32 19.13 -8.44
CA VAL A 249 0.35 20.40 -8.22
C VAL A 249 1.24 20.32 -6.98
N ARG A 250 0.72 19.73 -5.90
CA ARG A 250 1.52 19.51 -4.68
C ARG A 250 2.79 18.73 -4.98
N ILE A 251 2.67 17.72 -5.82
CA ILE A 251 3.80 16.90 -6.20
C ILE A 251 4.76 17.71 -7.04
N ALA A 252 4.23 18.47 -8.00
CA ALA A 252 5.07 19.27 -8.89
C ALA A 252 5.80 20.34 -8.11
N LYS A 253 5.17 20.83 -7.04
CA LYS A 253 5.82 21.84 -6.19
C LYS A 253 7.09 21.27 -5.55
N VAL A 254 7.25 19.95 -5.60
CA VAL A 254 8.42 19.33 -5.00
C VAL A 254 9.33 18.72 -6.05
N LEU A 255 8.77 17.92 -6.95
CA LEU A 255 9.56 17.26 -7.95
C LEU A 255 9.80 18.18 -9.15
N GLY A 256 9.12 19.32 -9.18
CA GLY A 256 9.34 20.33 -10.20
C GLY A 256 8.39 20.25 -11.38
N THR A 257 7.88 21.40 -11.82
CA THR A 257 6.96 21.41 -12.96
C THR A 257 7.60 21.00 -14.28
N GLU A 258 8.81 21.48 -14.54
CA GLU A 258 9.47 21.16 -15.81
C GLU A 258 9.79 19.68 -15.90
N GLU A 259 10.06 19.05 -14.75
CA GLU A 259 10.37 17.62 -14.74
C GLU A 259 9.11 16.79 -14.95
N LEU A 260 7.97 17.32 -14.50
CA LEU A 260 6.70 16.67 -14.77
C LEU A 260 6.50 16.54 -16.30
N TYR A 261 6.79 17.61 -17.05
CA TYR A 261 6.62 17.56 -18.50
C TYR A 261 7.56 16.58 -19.18
N GLY A 262 8.80 16.51 -18.71
CA GLY A 262 9.75 15.54 -19.23
C GLY A 262 9.23 14.12 -19.12
N TYR A 263 8.59 13.83 -17.98
CA TYR A 263 8.00 12.53 -17.76
C TYR A 263 6.82 12.31 -18.71
N LEU A 264 5.97 13.32 -18.84
CA LEU A 264 4.85 13.26 -19.77
C LEU A 264 5.26 13.09 -21.23
N LYS A 265 6.38 13.71 -21.61
CA LYS A 265 6.88 13.66 -22.98
C LYS A 265 7.33 12.24 -23.27
N LYS A 266 8.05 11.67 -22.30
CA LYS A 266 8.30 10.23 -22.27
C LYS A 266 6.93 9.56 -22.17
N TYR A 267 6.85 8.27 -22.47
CA TYR A 267 5.58 7.50 -22.39
C TYR A 267 4.43 8.11 -23.20
N HIS A 268 4.70 9.20 -23.91
CA HIS A 268 3.73 9.80 -24.82
C HIS A 268 2.41 10.06 -24.10
N ILE A 269 2.46 10.93 -23.08
CA ILE A 269 1.31 11.23 -22.24
C ILE A 269 0.82 12.66 -22.45
N ASP A 270 -0.48 12.82 -22.69
CA ASP A 270 -1.05 14.13 -22.96
C ASP A 270 -1.62 14.78 -21.71
N LEU A 271 -0.86 15.69 -21.10
CA LEU A 271 -1.35 16.45 -19.95
C LEU A 271 -2.42 17.42 -20.41
N ASP A 272 -3.14 17.99 -19.44
CA ASP A 272 -4.09 19.05 -19.73
C ASP A 272 -3.55 20.43 -19.39
N LEU A 279 -1.50 24.61 -12.03
CA LEU A 279 -0.13 24.12 -11.98
C LEU A 279 0.84 25.28 -11.76
N GLY A 280 1.43 25.78 -12.84
CA GLY A 280 2.34 26.90 -12.75
C GLY A 280 3.79 26.53 -13.04
N GLN A 281 4.72 27.36 -12.57
CA GLN A 281 6.13 27.03 -12.61
C GLN A 281 6.60 26.84 -11.18
N HIS A 282 7.57 25.96 -10.96
CA HIS A 282 7.95 25.65 -9.58
C HIS A 282 9.42 25.29 -9.37
N SER A 283 9.95 24.43 -10.25
CA SER A 283 11.35 23.96 -10.14
C SER A 283 11.58 23.01 -8.95
N ARG A 284 12.37 21.98 -9.22
CA ARG A 284 12.56 20.88 -8.30
C ARG A 284 13.26 21.28 -7.01
N LYS A 285 12.69 20.90 -5.87
CA LYS A 285 13.27 21.21 -4.55
C LYS A 285 14.33 20.18 -4.16
N ARG A 286 15.31 20.60 -3.37
CA ARG A 286 16.24 19.62 -2.79
C ARG A 286 15.53 18.96 -1.59
N TRP A 287 15.69 17.65 -1.46
CA TRP A 287 15.03 16.93 -0.36
C TRP A 287 15.51 17.50 0.96
N GLU A 288 16.77 17.93 0.97
CA GLU A 288 17.36 18.63 2.10
C GLU A 288 16.58 19.87 2.54
N ASN A 289 15.81 20.48 1.64
CA ASN A 289 15.07 21.70 2.01
C ASN A 289 13.89 21.40 2.93
N PHE A 290 13.60 20.14 3.19
CA PHE A 290 12.45 19.80 4.03
C PHE A 290 12.89 19.58 5.49
N ILE A 291 14.20 19.69 5.71
CA ILE A 291 14.75 19.49 7.04
C ILE A 291 14.67 20.75 7.88
N HIS A 292 14.16 20.60 9.10
CA HIS A 292 14.25 21.69 10.07
C HIS A 292 14.42 21.05 11.45
N SER A 293 14.35 21.84 12.51
CA SER A 293 14.81 21.37 13.81
C SER A 293 14.06 20.14 14.33
N GLU A 294 12.81 20.02 13.89
CA GLU A 294 11.92 19.02 14.46
C GLU A 294 12.01 17.66 13.74
N ASN A 295 12.74 17.59 12.64
CA ASN A 295 12.90 16.32 11.97
C ASN A 295 14.35 15.97 11.61
N ARG A 296 15.31 16.82 11.98
CA ARG A 296 16.70 16.57 11.61
C ARG A 296 17.24 15.25 12.18
N HIS A 297 16.75 14.87 13.35
CA HIS A 297 17.17 13.64 14.02
C HIS A 297 16.54 12.40 13.40
N LEU A 298 15.68 12.58 12.40
CA LEU A 298 15.04 11.47 11.69
C LEU A 298 15.59 11.36 10.28
N VAL A 299 16.14 12.45 9.79
CA VAL A 299 16.64 12.51 8.42
C VAL A 299 18.14 12.22 8.34
N SER A 300 18.53 11.41 7.38
CA SER A 300 19.95 11.18 7.09
C SER A 300 20.22 11.27 5.58
N PRO A 301 21.49 11.38 5.18
CA PRO A 301 21.68 11.41 3.73
C PRO A 301 21.17 10.15 3.02
N GLU A 302 21.24 9.01 3.70
CA GLU A 302 20.84 7.76 3.05
C GLU A 302 19.31 7.65 2.96
N ALA A 303 18.60 8.18 3.95
CA ALA A 303 17.15 8.26 3.86
C ALA A 303 16.75 9.12 2.67
N LEU A 304 17.45 10.24 2.48
CA LEU A 304 17.12 11.13 1.37
C LEU A 304 17.45 10.51 0.02
N ASP A 305 18.50 9.70 -0.07
CA ASP A 305 18.78 9.03 -1.33
C ASP A 305 17.77 7.94 -1.68
N LEU A 306 17.36 7.18 -0.68
CA LEU A 306 16.34 6.17 -0.93
C LEU A 306 15.06 6.89 -1.33
N LEU A 307 14.78 7.99 -0.65
CA LEU A 307 13.55 8.73 -0.89
C LEU A 307 13.51 9.28 -2.32
N ASP A 308 14.67 9.71 -2.79
CA ASP A 308 14.79 10.29 -4.11
C ASP A 308 14.62 9.23 -5.20
N LYS A 309 14.82 7.99 -4.84
CA LYS A 309 14.71 6.89 -5.76
C LYS A 309 13.35 6.21 -5.73
N LEU A 310 12.50 6.62 -4.81
CA LEU A 310 11.13 6.16 -4.72
C LEU A 310 10.17 7.21 -5.25
N LEU A 311 10.35 8.46 -4.81
CA LEU A 311 9.45 9.53 -5.23
C LEU A 311 10.00 10.15 -6.50
N ARG A 312 9.84 9.40 -7.58
CA ARG A 312 10.29 9.76 -8.89
C ARG A 312 9.09 9.76 -9.83
N TYR A 313 8.95 10.80 -10.67
CA TYR A 313 7.86 10.84 -11.66
C TYR A 313 7.83 9.53 -12.43
N ASP A 314 8.98 9.14 -12.93
CA ASP A 314 9.13 8.01 -13.85
C ASP A 314 9.03 6.67 -13.12
N HIS A 315 7.89 6.00 -13.28
CA HIS A 315 7.56 4.81 -12.50
C HIS A 315 8.51 3.65 -12.80
N GLN A 316 9.13 3.70 -13.98
CA GLN A 316 10.08 2.66 -14.35
C GLN A 316 11.44 2.89 -13.71
N GLN A 317 11.70 4.12 -13.30
CA GLN A 317 12.96 4.43 -12.65
C GLN A 317 12.93 4.11 -11.14
N ARG A 318 11.73 4.11 -10.54
CA ARG A 318 11.61 3.82 -9.10
C ARG A 318 12.23 2.48 -8.76
N LEU A 319 12.90 2.41 -7.63
CA LEU A 319 13.37 1.14 -7.10
C LEU A 319 12.22 0.18 -6.98
N THR A 320 12.49 -1.09 -7.28
CA THR A 320 11.58 -2.16 -6.95
C THR A 320 11.69 -2.41 -5.43
N ALA A 321 10.72 -3.09 -4.86
CA ALA A 321 10.78 -3.35 -3.42
C ALA A 321 12.06 -4.11 -3.08
N LYS A 322 12.41 -5.08 -3.89
CA LYS A 322 13.60 -5.89 -3.66
C LYS A 322 14.85 -5.01 -3.72
N GLU A 323 14.91 -4.10 -4.70
CA GLU A 323 16.01 -3.14 -4.80
C GLU A 323 16.07 -2.20 -3.61
N ALA A 324 14.91 -1.68 -3.18
CA ALA A 324 14.88 -0.79 -2.02
C ALA A 324 15.39 -1.50 -0.76
N MET A 325 15.13 -2.79 -0.64
CA MET A 325 15.56 -3.51 0.56
C MET A 325 17.09 -3.62 0.63
N GLU A 326 17.75 -3.43 -0.51
CA GLU A 326 19.21 -3.51 -0.59
C GLU A 326 19.86 -2.17 -0.39
N HIS A 327 19.05 -1.15 -0.20
CA HIS A 327 19.57 0.20 -0.04
C HIS A 327 20.33 0.34 1.28
N PRO A 328 21.40 1.14 1.29
CA PRO A 328 22.15 1.45 2.52
C PRO A 328 21.30 1.94 3.70
N TYR A 329 20.17 2.59 3.42
CA TYR A 329 19.26 3.00 4.47
C TYR A 329 18.96 1.88 5.44
N PHE A 330 18.87 0.64 4.92
CA PHE A 330 18.45 -0.46 5.76
C PHE A 330 19.60 -1.31 6.33
N TYR A 331 20.84 -0.97 6.03
CA TYR A 331 21.99 -1.71 6.61
C TYR A 331 21.89 -1.92 8.13
N PRO A 332 21.55 -0.87 8.90
CA PRO A 332 21.43 -1.10 10.35
C PRO A 332 20.29 -2.03 10.76
N VAL A 333 19.31 -2.22 9.87
CA VAL A 333 18.22 -3.11 10.20
C VAL A 333 18.58 -4.54 9.79
N VAL A 334 19.25 -4.69 8.65
CA VAL A 334 19.73 -5.99 8.18
C VAL A 334 20.79 -6.59 9.12
S SO4 B . -11.25 -1.48 -9.90
O1 SO4 B . -11.84 -0.63 -10.93
O2 SO4 B . -9.79 -1.39 -10.00
O3 SO4 B . -11.66 -1.05 -8.56
O4 SO4 B . -11.68 -2.85 -10.11
S SO4 C . 5.64 -11.43 13.27
O1 SO4 C . 4.62 -12.08 14.09
O2 SO4 C . 5.93 -12.28 12.11
O3 SO4 C . 5.16 -10.12 12.82
O4 SO4 C . 6.84 -11.25 14.08
N NIO D . -6.95 -6.66 9.79
C1 NIO D . -7.32 -6.60 8.46
C2 NIO D . -8.08 -5.52 7.93
C3 NIO D . -8.50 -4.49 8.77
C4 NIO D . -8.14 -4.55 10.11
C5 NIO D . -7.37 -5.64 10.56
C6 NIO D . -8.43 -5.51 6.42
O1 NIO D . -7.98 -6.42 5.69
O2 NIO D . -9.13 -4.55 6.01
#